data_9L1I
#
_entry.id   9L1I
#
_cell.length_a   47.217
_cell.length_b   79.439
_cell.length_c   139.165
_cell.angle_alpha   90.00
_cell.angle_beta   90.00
_cell.angle_gamma   90.00
#
_symmetry.space_group_name_H-M   'P 21 21 21'
#
loop_
_entity.id
_entity.type
_entity.pdbx_description
1 polymer "2,5-diamino-6-ribosylamino-4(3H)-pyrimidinone 5'-phosphate reductase"
2 non-polymer 'NADP NICOTINAMIDE-ADENINE-DINUCLEOTIDE PHOSPHATE'
3 water water
#
_entity_poly.entity_id   1
_entity_poly.type   'polypeptide(L)'
_entity_poly.pdbx_seq_one_letter_code
;MSFVPFLEPFIPHENTLLPELPFVTLTYAQSLDSRIAAKKGERTVISHQETKNMTQYLRSKHDAILVGVKTVLADDPGLN
CKLGTPIRPIILDPTFQLLSKIASLKLIKLGLSGEGEPPVFITRKGVVSPDLQANLRSDYGISIVEIADRDVHRGKMSWF
AILKILKDAEIHSVMVEGGATIINDLLICRQNSVPLVASLIITVGPVYLGKDGVEVTPARSVKLGNVRWWHGIQDAVVAA
SLELEHHHHHH
;
_entity_poly.pdbx_strand_id   A,B
#
loop_
_chem_comp.id
_chem_comp.type
_chem_comp.name
_chem_comp.formula
NAP non-polymer 'NADP NICOTINAMIDE-ADENINE-DINUCLEOTIDE PHOSPHATE' 'C21 H28 N7 O17 P3'
#
# COMPACT_ATOMS: atom_id res chain seq x y z
N SER A 2 -6.34 -15.05 18.05
CA SER A 2 -5.21 -14.15 17.81
C SER A 2 -4.51 -14.55 16.53
N PHE A 3 -3.27 -14.13 16.43
CA PHE A 3 -2.52 -14.37 15.20
C PHE A 3 -1.89 -15.74 15.16
N VAL A 4 -1.92 -16.50 16.25
CA VAL A 4 -1.23 -17.79 16.30
C VAL A 4 -1.97 -18.81 15.43
N PRO A 5 -3.26 -19.09 15.61
CA PRO A 5 -3.94 -19.97 14.64
C PRO A 5 -3.98 -19.38 13.25
N PHE A 6 -4.12 -18.05 13.15
CA PHE A 6 -4.10 -17.38 11.85
C PHE A 6 -2.86 -17.75 11.05
N LEU A 7 -1.68 -17.73 11.71
CA LEU A 7 -0.41 -17.97 11.03
C LEU A 7 -0.03 -19.45 10.93
N GLU A 8 -0.81 -20.37 11.51
CA GLU A 8 -0.39 -21.77 11.53
C GLU A 8 -0.07 -22.35 10.15
N PRO A 9 -0.79 -22.04 9.06
CA PRO A 9 -0.36 -22.55 7.74
C PRO A 9 0.89 -21.88 7.17
N PHE A 10 1.35 -20.77 7.74
CA PHE A 10 2.40 -20.00 7.08
C PHE A 10 3.74 -20.07 7.79
N ILE A 11 3.80 -20.58 9.02
CA ILE A 11 5.07 -20.75 9.72
C ILE A 11 5.84 -21.84 8.99
N PRO A 12 7.16 -21.91 9.14
CA PRO A 12 7.95 -22.88 8.36
C PRO A 12 7.43 -24.31 8.49
N HIS A 13 7.37 -25.00 7.36
CA HIS A 13 6.81 -26.35 7.26
C HIS A 13 7.57 -27.12 6.17
N GLU A 14 7.34 -28.43 6.14
CA GLU A 14 8.17 -29.33 5.33
C GLU A 14 7.82 -29.30 3.85
N ASN A 15 6.58 -28.92 3.50
CA ASN A 15 6.17 -28.95 2.10
C ASN A 15 6.80 -27.82 1.28
N THR A 16 8.10 -27.92 1.02
CA THR A 16 8.85 -26.89 0.29
C THR A 16 9.00 -27.30 -1.16
N LEU A 17 8.78 -26.34 -2.08
CA LEU A 17 9.00 -26.62 -3.50
C LEU A 17 10.46 -26.52 -3.90
N LEU A 18 11.32 -25.99 -3.02
CA LEU A 18 12.77 -25.88 -3.29
C LEU A 18 13.53 -26.38 -2.07
N PRO A 19 13.69 -27.70 -1.93
CA PRO A 19 14.29 -28.25 -0.70
C PRO A 19 15.78 -27.97 -0.53
N GLU A 20 16.48 -27.52 -1.55
CA GLU A 20 17.86 -27.09 -1.36
C GLU A 20 17.96 -25.69 -0.75
N LEU A 21 16.83 -25.08 -0.42
CA LEU A 21 16.77 -23.76 0.18
C LEU A 21 16.10 -23.84 1.53
N PRO A 22 16.38 -22.89 2.43
CA PRO A 22 15.61 -22.81 3.67
C PRO A 22 14.19 -22.41 3.36
N PHE A 23 13.32 -22.61 4.34
CA PHE A 23 11.99 -22.03 4.25
C PHE A 23 12.14 -20.52 4.40
N VAL A 24 11.66 -19.75 3.41
CA VAL A 24 11.85 -18.30 3.41
C VAL A 24 10.53 -17.63 3.72
N THR A 25 10.51 -16.85 4.80
CA THR A 25 9.41 -15.94 5.06
C THR A 25 9.88 -14.51 4.75
N LEU A 26 9.12 -13.81 3.89
CA LEU A 26 9.32 -12.38 3.63
C LEU A 26 8.26 -11.63 4.39
N THR A 27 8.67 -10.75 5.31
CA THR A 27 7.67 -10.12 6.16
C THR A 27 8.09 -8.70 6.51
N TYR A 28 7.15 -7.77 6.44
CA TYR A 28 7.45 -6.37 6.72
C TYR A 28 6.17 -5.69 7.13
N ALA A 29 6.31 -4.44 7.60
CA ALA A 29 5.20 -3.60 8.00
C ALA A 29 5.15 -2.37 7.09
N GLN A 30 3.98 -2.11 6.53
CA GLN A 30 3.83 -1.01 5.59
C GLN A 30 2.74 -0.04 6.04
N SER A 31 2.94 1.21 5.68
CA SER A 31 1.84 2.15 5.65
C SER A 31 0.86 1.78 4.54
N LEU A 32 -0.29 2.47 4.53
CA LEU A 32 -1.26 2.27 3.47
C LEU A 32 -0.67 2.55 2.10
N ASP A 33 0.17 3.59 1.98
CA ASP A 33 0.77 3.91 0.69
C ASP A 33 2.07 3.14 0.43
N SER A 34 2.22 1.98 1.09
CA SER A 34 3.30 1.03 0.79
C SER A 34 4.69 1.61 1.04
N ARG A 35 4.83 2.36 2.13
CA ARG A 35 6.13 2.78 2.62
C ARG A 35 6.45 1.97 3.87
N ILE A 36 7.72 1.67 4.07
CA ILE A 36 8.18 0.94 5.25
C ILE A 36 9.05 1.78 6.15
N ALA A 37 9.27 3.06 5.80
CA ALA A 37 9.94 4.01 6.67
C ALA A 37 9.47 5.40 6.28
N ALA A 38 9.33 6.28 7.27
CA ALA A 38 8.95 7.66 7.03
C ALA A 38 10.08 8.42 6.33
N LYS A 39 9.77 9.61 5.83
CA LYS A 39 10.82 10.39 5.19
C LYS A 39 11.92 10.75 6.20
N LYS A 40 13.14 10.94 5.68
CA LYS A 40 14.30 11.36 6.45
C LYS A 40 13.91 12.46 7.44
N GLY A 41 14.30 12.27 8.70
CA GLY A 41 14.00 13.23 9.76
C GLY A 41 12.65 13.06 10.42
N GLU A 42 11.80 12.18 9.90
CA GLU A 42 10.49 11.94 10.48
C GLU A 42 10.50 10.58 11.18
N ARG A 43 9.86 10.51 12.34
CA ARG A 43 9.75 9.24 13.05
C ARG A 43 8.87 8.27 12.25
N THR A 44 9.25 6.99 12.25
CA THR A 44 8.48 5.94 11.57
C THR A 44 7.57 5.24 12.58
N VAL A 45 6.26 5.50 12.51
CA VAL A 45 5.29 4.73 13.29
C VAL A 45 4.28 4.07 12.33
N ILE A 46 4.36 2.75 12.21
CA ILE A 46 3.52 1.98 11.30
C ILE A 46 2.82 0.89 12.10
N SER A 47 3.60 -0.04 12.62
CA SER A 47 3.09 -1.22 13.31
C SER A 47 2.83 -0.88 14.78
N HIS A 48 1.73 -1.38 15.35
CA HIS A 48 1.49 -1.21 16.77
C HIS A 48 1.85 -2.50 17.51
N GLN A 49 1.75 -2.44 18.85
CA GLN A 49 2.29 -3.54 19.66
C GLN A 49 1.60 -4.86 19.36
N GLU A 50 0.32 -4.84 18.99
CA GLU A 50 -0.38 -6.07 18.64
C GLU A 50 0.33 -6.83 17.52
N THR A 51 0.80 -6.13 16.48
CA THR A 51 1.52 -6.82 15.41
C THR A 51 3.03 -6.90 15.67
N LYS A 52 3.61 -6.03 16.49
CA LYS A 52 4.99 -6.27 16.92
C LYS A 52 5.11 -7.63 17.62
N ASN A 53 4.13 -7.97 18.45
CA ASN A 53 4.10 -9.27 19.11
C ASN A 53 4.07 -10.39 18.09
N MET A 54 3.33 -10.20 17.00
CA MET A 54 3.26 -11.22 15.96
C MET A 54 4.62 -11.45 15.32
N THR A 55 5.31 -10.36 15.00
CA THR A 55 6.65 -10.48 14.44
C THR A 55 7.57 -11.24 15.38
N GLN A 56 7.50 -10.95 16.69
CA GLN A 56 8.33 -11.71 17.63
C GLN A 56 7.96 -13.19 17.63
N TYR A 57 6.67 -13.49 17.48
CA TYR A 57 6.24 -14.88 17.39
C TYR A 57 6.78 -15.54 16.13
N LEU A 58 6.74 -14.84 15.00
CA LEU A 58 7.32 -15.39 13.78
C LEU A 58 8.82 -15.64 13.91
N ARG A 59 9.53 -14.71 14.56
CA ARG A 59 10.97 -14.92 14.79
C ARG A 59 11.23 -16.19 15.60
N SER A 60 10.34 -16.55 16.54
CA SER A 60 10.53 -17.75 17.33
C SER A 60 10.36 -19.03 16.51
N LYS A 61 9.81 -18.94 15.30
CA LYS A 61 9.66 -20.09 14.44
C LYS A 61 10.73 -20.22 13.37
N HIS A 62 11.72 -19.30 13.32
CA HIS A 62 12.72 -19.29 12.26
C HIS A 62 14.13 -19.46 12.81
N ASP A 63 14.98 -20.13 12.04
CA ASP A 63 16.38 -20.30 12.46
C ASP A 63 17.18 -19.02 12.32
N ALA A 64 16.84 -18.17 11.36
CA ALA A 64 17.66 -17.01 11.06
C ALA A 64 16.78 -15.82 10.70
N ILE A 65 17.35 -14.63 10.86
CA ILE A 65 16.71 -13.39 10.47
C ILE A 65 17.69 -12.63 9.58
N LEU A 66 17.18 -12.08 8.48
CA LEU A 66 18.03 -11.43 7.48
C LEU A 66 17.55 -10.03 7.20
N VAL A 67 18.48 -9.07 7.22
CA VAL A 67 18.23 -7.69 6.80
C VAL A 67 19.46 -7.19 6.03
N GLY A 68 19.26 -6.04 5.32
CA GLY A 68 20.35 -5.42 4.57
C GLY A 68 21.11 -4.38 5.37
N VAL A 69 22.29 -3.99 4.85
CA VAL A 69 23.12 -2.99 5.54
C VAL A 69 22.31 -1.75 5.86
N LYS A 70 21.57 -1.25 4.88
CA LYS A 70 20.90 0.02 5.10
C LYS A 70 19.87 -0.07 6.21
N THR A 71 19.22 -1.22 6.35
CA THR A 71 18.37 -1.44 7.51
C THR A 71 19.18 -1.35 8.80
N VAL A 72 20.37 -2.00 8.84
CA VAL A 72 21.21 -1.92 10.04
C VAL A 72 21.60 -0.47 10.32
N LEU A 73 22.05 0.25 9.28
CA LEU A 73 22.48 1.63 9.45
C LEU A 73 21.33 2.53 9.91
N ALA A 74 20.13 2.30 9.40
CA ALA A 74 19.01 3.18 9.70
C ALA A 74 18.41 2.89 11.09
N ASP A 75 18.36 1.62 11.51
CA ASP A 75 17.59 1.25 12.70
C ASP A 75 18.41 0.75 13.88
N ASP A 76 19.66 0.35 13.69
CA ASP A 76 20.44 -0.32 14.72
C ASP A 76 19.63 -1.46 15.36
N PRO A 77 19.11 -2.40 14.54
CA PRO A 77 18.21 -3.41 15.11
C PRO A 77 18.95 -4.43 15.96
N GLY A 78 18.22 -5.04 16.89
CA GLY A 78 18.81 -6.05 17.72
C GLY A 78 18.89 -7.40 17.03
N LEU A 79 17.81 -7.72 16.31
CA LEU A 79 17.73 -8.93 15.50
C LEU A 79 17.76 -10.21 16.36
N ASN A 80 17.32 -10.12 17.61
CA ASN A 80 17.06 -11.32 18.40
C ASN A 80 15.55 -11.50 18.54
N CYS A 81 15.16 -12.48 19.37
CA CYS A 81 13.76 -12.84 19.56
C CYS A 81 13.42 -12.61 21.02
N LYS A 82 12.38 -11.81 21.27
CA LYS A 82 12.00 -11.47 22.63
C LYS A 82 11.50 -12.66 23.43
N LEU A 83 11.00 -13.71 22.77
CA LEU A 83 10.65 -14.93 23.50
C LEU A 83 11.88 -15.69 24.00
N GLY A 84 13.10 -15.29 23.63
CA GLY A 84 14.30 -15.97 24.07
C GLY A 84 14.74 -17.15 23.23
N THR A 85 14.02 -17.50 22.20
CA THR A 85 14.57 -18.54 21.36
C THR A 85 15.68 -18.00 20.49
N PRO A 86 16.70 -18.79 20.22
CA PRO A 86 17.82 -18.31 19.42
C PRO A 86 17.42 -18.09 17.96
N ILE A 87 18.00 -17.05 17.38
CA ILE A 87 17.81 -16.77 15.96
C ILE A 87 19.09 -16.11 15.48
N ARG A 88 19.56 -16.54 14.33
CA ARG A 88 20.87 -16.14 13.83
C ARG A 88 20.73 -14.93 12.93
N PRO A 89 21.35 -13.79 13.26
CA PRO A 89 21.23 -12.60 12.40
C PRO A 89 22.14 -12.74 11.18
N ILE A 90 21.59 -12.42 10.02
CA ILE A 90 22.30 -12.45 8.74
C ILE A 90 22.18 -11.07 8.12
N ILE A 91 23.32 -10.44 7.85
CA ILE A 91 23.37 -9.07 7.31
C ILE A 91 23.96 -9.12 5.91
N LEU A 92 23.20 -8.66 4.93
CA LEU A 92 23.66 -8.56 3.55
C LEU A 92 24.47 -7.28 3.43
N ASP A 93 25.80 -7.41 3.39
CA ASP A 93 26.71 -6.26 3.40
C ASP A 93 27.81 -6.51 2.38
N PRO A 94 27.54 -6.23 1.10
CA PRO A 94 28.48 -6.64 0.04
C PRO A 94 29.91 -6.14 0.22
N THR A 95 30.10 -4.88 0.60
CA THR A 95 31.43 -4.35 0.80
C THR A 95 31.80 -4.22 2.27
N PHE A 96 31.00 -4.78 3.17
CA PHE A 96 31.24 -4.69 4.62
C PHE A 96 31.37 -3.24 5.08
N GLN A 97 30.41 -2.39 4.68
CA GLN A 97 30.36 -1.01 5.16
C GLN A 97 30.36 -0.95 6.68
N LEU A 98 29.70 -1.92 7.33
CA LEU A 98 29.51 -1.88 8.77
C LEU A 98 30.79 -2.12 9.55
N LEU A 99 31.91 -2.41 8.87
CA LEU A 99 33.15 -2.71 9.58
C LEU A 99 33.47 -1.63 10.61
N SER A 100 33.32 -0.37 10.21
CA SER A 100 33.70 0.73 11.09
C SER A 100 32.72 0.96 12.23
N LYS A 101 31.55 0.32 12.20
CA LYS A 101 30.57 0.47 13.27
C LYS A 101 30.45 -0.77 14.12
N ILE A 102 31.26 -1.80 13.85
CA ILE A 102 31.06 -3.11 14.47
C ILE A 102 30.97 -2.99 15.97
N ALA A 103 31.87 -2.23 16.57
CA ALA A 103 31.92 -2.14 18.02
C ALA A 103 30.74 -1.36 18.60
N SER A 104 29.96 -0.66 17.77
CA SER A 104 28.84 0.10 18.30
C SER A 104 27.49 -0.58 18.07
N LEU A 105 27.42 -1.57 17.18
CA LEU A 105 26.12 -2.11 16.76
C LEU A 105 25.42 -2.84 17.90
N LYS A 106 24.10 -2.67 17.96
CA LYS A 106 23.32 -3.38 18.96
C LYS A 106 23.37 -4.89 18.72
N LEU A 107 23.29 -5.32 17.46
CA LEU A 107 23.32 -6.75 17.16
C LEU A 107 24.67 -7.37 17.55
N ILE A 108 25.76 -6.61 17.42
CA ILE A 108 27.06 -7.11 17.87
C ILE A 108 27.06 -7.25 19.39
N LYS A 109 26.55 -6.24 20.09
CA LYS A 109 26.48 -6.28 21.55
C LYS A 109 25.68 -7.46 22.03
N LEU A 110 24.52 -7.70 21.42
CA LEU A 110 23.70 -8.82 21.87
C LEU A 110 24.42 -10.13 21.65
N GLY A 111 25.17 -10.24 20.55
CA GLY A 111 25.96 -11.43 20.32
C GLY A 111 26.99 -11.65 21.40
N LEU A 112 27.59 -10.57 21.89
CA LEU A 112 28.60 -10.66 22.94
C LEU A 112 27.98 -10.90 24.32
N SER A 113 26.78 -10.41 24.56
CA SER A 113 26.13 -10.63 25.84
C SER A 113 25.37 -11.94 25.91
N GLY A 114 25.28 -12.70 24.82
CA GLY A 114 24.49 -13.90 24.80
C GLY A 114 22.99 -13.72 24.71
N GLU A 115 22.49 -12.47 24.73
CA GLU A 115 21.08 -12.24 24.47
C GLU A 115 20.72 -12.45 23.00
N GLY A 116 21.71 -12.52 22.12
CA GLY A 116 21.51 -12.90 20.74
C GLY A 116 22.63 -13.81 20.26
N GLU A 117 22.47 -14.26 19.03
CA GLU A 117 23.48 -15.07 18.37
C GLU A 117 24.45 -14.18 17.62
N PRO A 118 25.72 -14.56 17.51
CA PRO A 118 26.67 -13.73 16.80
C PRO A 118 26.38 -13.73 15.31
N PRO A 119 26.50 -12.57 14.65
CA PRO A 119 25.98 -12.42 13.29
C PRO A 119 26.84 -13.06 12.20
N VAL A 120 26.19 -13.25 11.06
CA VAL A 120 26.84 -13.61 9.81
C VAL A 120 26.67 -12.44 8.84
N PHE A 121 27.78 -11.93 8.32
CA PHE A 121 27.76 -10.92 7.27
C PHE A 121 28.05 -11.59 5.94
N ILE A 122 27.23 -11.27 4.94
CA ILE A 122 27.38 -11.80 3.58
C ILE A 122 28.01 -10.71 2.73
N THR A 123 29.23 -10.99 2.24
CA THR A 123 30.00 -10.01 1.49
C THR A 123 30.39 -10.59 0.13
N ARG A 124 30.92 -9.70 -0.71
CA ARG A 124 31.58 -10.10 -1.94
C ARG A 124 32.91 -10.80 -1.62
N LYS A 125 33.40 -11.58 -2.57
CA LYS A 125 34.67 -12.29 -2.41
C LYS A 125 35.80 -11.33 -2.08
N GLY A 126 36.63 -11.71 -1.12
CA GLY A 126 37.85 -10.98 -0.83
C GLY A 126 37.65 -9.62 -0.23
N VAL A 127 36.45 -9.31 0.28
CA VAL A 127 36.24 -8.01 0.91
C VAL A 127 36.89 -7.98 2.29
N VAL A 128 36.86 -9.10 3.01
CA VAL A 128 37.45 -9.22 4.34
C VAL A 128 38.56 -10.24 4.27
N SER A 129 39.79 -9.81 4.58
CA SER A 129 40.95 -10.68 4.47
C SER A 129 40.85 -11.81 5.49
N PRO A 130 41.47 -12.97 5.20
CA PRO A 130 41.32 -14.13 6.10
C PRO A 130 41.77 -13.87 7.52
N ASP A 131 42.73 -12.97 7.72
CA ASP A 131 43.15 -12.70 9.09
C ASP A 131 42.30 -11.62 9.74
N LEU A 132 41.71 -10.70 8.96
CA LEU A 132 40.70 -9.83 9.54
C LEU A 132 39.49 -10.63 10.00
N GLN A 133 39.14 -11.67 9.23
CA GLN A 133 38.06 -12.55 9.64
C GLN A 133 38.39 -13.28 10.93
N ALA A 134 39.65 -13.69 11.10
CA ALA A 134 40.03 -14.38 12.33
C ALA A 134 39.93 -13.44 13.53
N ASN A 135 40.34 -12.18 13.37
CA ASN A 135 40.25 -11.22 14.45
C ASN A 135 38.80 -10.89 14.77
N LEU A 136 38.01 -10.57 13.75
CA LEU A 136 36.59 -10.29 13.96
C LEU A 136 35.88 -11.48 14.58
N ARG A 137 36.25 -12.70 14.18
CA ARG A 137 35.65 -13.88 14.78
C ARG A 137 36.05 -14.03 16.25
N SER A 138 37.32 -13.76 16.57
CA SER A 138 37.77 -13.85 17.95
C SER A 138 37.27 -12.67 18.79
N ASP A 139 37.29 -11.46 18.23
CA ASP A 139 36.89 -10.29 19.00
C ASP A 139 35.37 -10.20 19.16
N TYR A 140 34.60 -10.52 18.10
CA TYR A 140 33.15 -10.30 18.14
C TYR A 140 32.29 -11.51 17.81
N GLY A 141 32.86 -12.67 17.53
CA GLY A 141 32.03 -13.82 17.19
C GLY A 141 31.43 -13.78 15.80
N ILE A 142 31.87 -12.86 14.96
CA ILE A 142 31.33 -12.64 13.62
C ILE A 142 31.82 -13.72 12.65
N SER A 143 30.94 -14.17 11.77
CA SER A 143 31.35 -14.96 10.60
C SER A 143 31.14 -14.13 9.33
N ILE A 144 32.06 -14.28 8.38
CA ILE A 144 31.93 -13.69 7.06
C ILE A 144 31.63 -14.80 6.07
N VAL A 145 30.62 -14.60 5.22
CA VAL A 145 30.25 -15.53 4.17
C VAL A 145 30.37 -14.80 2.84
N GLU A 146 31.15 -15.37 1.92
CA GLU A 146 31.48 -14.71 0.66
C GLU A 146 30.67 -15.32 -0.48
N ILE A 147 30.21 -14.46 -1.37
CA ILE A 147 29.49 -14.86 -2.58
C ILE A 147 30.45 -14.72 -3.76
N ALA A 148 30.67 -15.82 -4.47
CA ALA A 148 31.58 -15.82 -5.60
C ALA A 148 31.11 -14.82 -6.65
N ASP A 149 32.06 -14.33 -7.46
CA ASP A 149 31.72 -13.37 -8.51
C ASP A 149 30.78 -13.98 -9.54
N ARG A 150 30.83 -15.31 -9.71
CA ARG A 150 29.95 -15.99 -10.65
C ARG A 150 28.48 -15.85 -10.24
N ASP A 151 28.22 -15.62 -8.95
CA ASP A 151 26.88 -15.53 -8.41
C ASP A 151 26.42 -14.09 -8.22
N VAL A 152 27.15 -13.13 -8.78
CA VAL A 152 26.79 -11.71 -8.73
C VAL A 152 26.46 -11.28 -10.14
N HIS A 153 25.24 -10.77 -10.33
CA HIS A 153 24.77 -10.28 -11.63
C HIS A 153 24.26 -8.87 -11.47
N ARG A 154 24.78 -7.96 -12.30
CA ARG A 154 24.38 -6.55 -12.24
C ARG A 154 24.61 -5.98 -10.85
N GLY A 155 25.67 -6.45 -10.20
CA GLY A 155 26.01 -6.02 -8.86
C GLY A 155 25.16 -6.59 -7.75
N LYS A 156 24.23 -7.49 -8.06
CA LYS A 156 23.37 -8.09 -7.04
C LYS A 156 23.74 -9.56 -6.86
N MET A 157 24.02 -9.94 -5.62
CA MET A 157 24.24 -11.33 -5.30
C MET A 157 22.97 -12.14 -5.58
N SER A 158 23.16 -13.34 -6.10
CA SER A 158 22.02 -14.22 -6.37
C SER A 158 21.36 -14.64 -5.06
N TRP A 159 20.06 -14.41 -4.97
CA TRP A 159 19.32 -14.90 -3.80
C TRP A 159 19.39 -16.41 -3.71
N PHE A 160 19.37 -17.10 -4.86
CA PHE A 160 19.51 -18.56 -4.82
C PHE A 160 20.84 -18.96 -4.20
N ALA A 161 21.92 -18.29 -4.57
CA ALA A 161 23.22 -18.63 -4.02
C ALA A 161 23.28 -18.36 -2.51
N ILE A 162 22.77 -17.21 -2.07
CA ILE A 162 22.73 -16.89 -0.64
C ILE A 162 21.97 -17.97 0.14
N LEU A 163 20.77 -18.30 -0.33
CA LEU A 163 19.92 -19.23 0.40
C LEU A 163 20.50 -20.64 0.42
N LYS A 164 21.19 -21.02 -0.64
CA LYS A 164 21.82 -22.34 -0.67
C LYS A 164 22.94 -22.43 0.35
N ILE A 165 23.79 -21.39 0.43
CA ILE A 165 24.81 -21.33 1.47
C ILE A 165 24.19 -21.45 2.86
N LEU A 166 23.16 -20.63 3.13
CA LEU A 166 22.48 -20.71 4.43
C LEU A 166 21.97 -22.12 4.70
N LYS A 167 21.24 -22.69 3.74
CA LYS A 167 20.73 -24.05 3.93
C LYS A 167 21.86 -25.04 4.17
N ASP A 168 22.99 -24.86 3.48
CA ASP A 168 24.11 -25.76 3.74
C ASP A 168 24.74 -25.52 5.09
N ALA A 169 24.57 -24.32 5.67
CA ALA A 169 25.00 -24.10 7.05
C ALA A 169 23.95 -24.52 8.05
N GLU A 170 22.99 -25.33 7.61
CA GLU A 170 21.91 -25.86 8.45
C GLU A 170 20.97 -24.76 8.97
N ILE A 171 20.85 -23.67 8.23
CA ILE A 171 19.75 -22.71 8.44
C ILE A 171 18.56 -23.25 7.66
N HIS A 172 17.53 -23.76 8.37
CA HIS A 172 16.44 -24.39 7.65
C HIS A 172 15.26 -23.46 7.39
N SER A 173 15.28 -22.25 7.96
CA SER A 173 14.24 -21.26 7.76
C SER A 173 14.82 -19.89 8.04
N VAL A 174 14.51 -18.92 7.18
CA VAL A 174 15.05 -17.58 7.33
C VAL A 174 13.90 -16.58 7.21
N MET A 175 13.82 -15.67 8.15
CA MET A 175 12.84 -14.60 8.15
C MET A 175 13.51 -13.36 7.56
N VAL A 176 13.13 -13.00 6.34
CA VAL A 176 13.71 -11.82 5.70
C VAL A 176 12.82 -10.63 6.01
N GLU A 177 13.35 -9.61 6.70
CA GLU A 177 12.51 -8.54 7.21
C GLU A 177 12.66 -7.21 6.48
N GLY A 178 13.62 -7.06 5.57
CA GLY A 178 13.79 -5.81 4.84
C GLY A 178 15.25 -5.59 4.52
N GLY A 179 15.56 -4.40 3.97
CA GLY A 179 14.61 -3.35 3.67
C GLY A 179 13.97 -3.39 2.28
N ALA A 180 13.67 -2.21 1.73
CA ALA A 180 12.86 -2.11 0.52
C ALA A 180 13.53 -2.77 -0.69
N THR A 181 14.86 -2.60 -0.83
CA THR A 181 15.57 -3.25 -1.92
C THR A 181 15.39 -4.76 -1.89
N ILE A 182 15.66 -5.34 -0.73
CA ILE A 182 15.57 -6.79 -0.58
C ILE A 182 14.14 -7.26 -0.79
N ILE A 183 13.17 -6.51 -0.26
CA ILE A 183 11.77 -6.90 -0.43
C ILE A 183 11.39 -6.88 -1.92
N ASN A 184 11.72 -5.78 -2.61
CA ASN A 184 11.36 -5.66 -4.02
C ASN A 184 11.99 -6.79 -4.85
N ASP A 185 13.26 -7.10 -4.61
CA ASP A 185 13.91 -8.18 -5.34
C ASP A 185 13.28 -9.54 -5.03
N LEU A 186 13.09 -9.82 -3.74
CA LEU A 186 12.57 -11.15 -3.39
C LEU A 186 11.16 -11.36 -3.90
N LEU A 187 10.36 -10.28 -4.04
CA LEU A 187 8.98 -10.48 -4.49
C LEU A 187 8.92 -11.03 -5.90
N ILE A 188 9.92 -10.75 -6.74
CA ILE A 188 9.92 -11.19 -8.13
C ILE A 188 10.93 -12.29 -8.39
N CYS A 189 11.72 -12.67 -7.39
CA CYS A 189 12.78 -13.65 -7.60
C CYS A 189 12.17 -15.04 -7.75
N ARG A 190 12.47 -15.71 -8.86
CA ARG A 190 11.93 -17.03 -9.13
C ARG A 190 13.08 -17.97 -9.49
N GLN A 191 12.84 -19.26 -9.30
CA GLN A 191 13.76 -20.30 -9.75
C GLN A 191 12.95 -21.28 -10.60
N ASN A 192 12.96 -21.06 -11.93
CA ASN A 192 12.21 -21.90 -12.87
C ASN A 192 10.71 -21.76 -12.66
N SER A 193 10.26 -20.52 -12.52
CA SER A 193 8.90 -20.06 -12.24
C SER A 193 8.50 -20.21 -10.77
N VAL A 194 9.31 -20.85 -9.93
CA VAL A 194 8.93 -21.14 -8.54
C VAL A 194 9.48 -20.03 -7.66
N PRO A 195 8.63 -19.36 -6.87
CA PRO A 195 9.12 -18.27 -6.02
C PRO A 195 10.01 -18.79 -4.90
N LEU A 196 11.11 -18.07 -4.65
CA LEU A 196 11.97 -18.43 -3.52
C LEU A 196 11.28 -18.18 -2.19
N VAL A 197 10.42 -17.17 -2.14
CA VAL A 197 9.69 -16.87 -0.91
C VAL A 197 8.60 -17.91 -0.75
N ALA A 198 8.56 -18.54 0.43
CA ALA A 198 7.49 -19.49 0.74
C ALA A 198 6.28 -18.80 1.39
N SER A 199 6.49 -17.87 2.33
CA SER A 199 5.40 -17.20 3.01
C SER A 199 5.61 -15.70 2.99
N LEU A 200 4.56 -14.96 2.65
CA LEU A 200 4.56 -13.49 2.66
C LEU A 200 3.58 -13.03 3.73
N ILE A 201 4.06 -12.28 4.72
CA ILE A 201 3.26 -11.84 5.86
C ILE A 201 3.51 -10.34 6.04
N ILE A 202 2.47 -9.54 5.85
CA ILE A 202 2.61 -8.10 5.81
C ILE A 202 1.68 -7.48 6.85
N THR A 203 2.24 -6.61 7.68
CA THR A 203 1.44 -5.76 8.55
C THR A 203 1.15 -4.46 7.83
N VAL A 204 -0.12 -4.08 7.78
CA VAL A 204 -0.54 -2.82 7.20
C VAL A 204 -0.95 -1.90 8.35
N GLY A 205 -0.23 -0.78 8.51
CA GLY A 205 -0.56 0.21 9.50
C GLY A 205 -1.42 1.30 8.90
N PRO A 206 -2.38 1.80 9.68
CA PRO A 206 -3.35 2.78 9.14
C PRO A 206 -2.78 4.19 9.16
N VAL A 207 -1.86 4.45 8.24
CA VAL A 207 -1.15 5.72 8.17
C VAL A 207 -0.66 5.86 6.74
N TYR A 208 -0.48 7.10 6.30
CA TYR A 208 0.27 7.40 5.09
C TYR A 208 1.59 8.01 5.49
N LEU A 209 2.68 7.52 4.88
CA LEU A 209 3.98 8.16 5.12
C LEU A 209 4.36 9.11 4.00
N GLY A 210 3.74 8.98 2.83
CA GLY A 210 3.89 9.99 1.81
C GLY A 210 5.01 9.70 0.83
N LYS A 211 5.10 10.57 -0.17
CA LYS A 211 5.96 10.33 -1.32
C LYS A 211 7.44 10.29 -0.98
N ASP A 212 7.88 10.89 0.14
CA ASP A 212 9.30 10.90 0.47
C ASP A 212 9.72 9.76 1.43
N GLY A 213 8.79 8.92 1.89
CA GLY A 213 9.14 7.73 2.63
C GLY A 213 9.78 6.67 1.74
N VAL A 214 10.22 5.60 2.38
CA VAL A 214 10.92 4.50 1.69
C VAL A 214 9.88 3.54 1.13
N GLU A 215 9.81 3.43 -0.20
CA GLU A 215 8.72 2.79 -0.91
C GLU A 215 9.01 1.31 -1.19
N VAL A 216 7.99 0.47 -1.07
CA VAL A 216 8.03 -0.91 -1.58
C VAL A 216 7.09 -0.99 -2.78
N THR A 217 7.62 -1.45 -3.93
CA THR A 217 6.81 -1.82 -5.09
C THR A 217 7.71 -2.64 -6.01
N PRO A 218 7.32 -3.84 -6.39
CA PRO A 218 8.19 -4.67 -7.23
C PRO A 218 8.19 -4.17 -8.67
N ALA A 219 9.15 -4.66 -9.46
CA ALA A 219 9.36 -4.14 -10.81
C ALA A 219 8.22 -4.49 -11.76
N ARG A 220 7.46 -5.52 -11.43
CA ARG A 220 6.30 -5.95 -12.22
C ARG A 220 5.22 -6.37 -11.24
N SER A 221 4.04 -6.68 -11.76
CA SER A 221 2.94 -7.13 -10.90
C SER A 221 3.23 -8.53 -10.38
N VAL A 222 2.73 -8.82 -9.18
CA VAL A 222 2.96 -10.08 -8.49
C VAL A 222 1.63 -10.56 -7.93
N LYS A 223 1.23 -11.76 -8.30
CA LYS A 223 -0.01 -12.33 -7.80
C LYS A 223 0.27 -13.20 -6.58
N LEU A 224 -0.69 -13.25 -5.66
CA LEU A 224 -0.57 -13.97 -4.41
C LEU A 224 -1.63 -15.06 -4.38
N GLY A 225 -1.34 -16.16 -3.68
CA GLY A 225 -2.30 -17.21 -3.46
C GLY A 225 -2.46 -17.48 -1.97
N ASN A 226 -3.44 -18.31 -1.64
CA ASN A 226 -3.63 -18.76 -0.26
C ASN A 226 -3.79 -17.58 0.70
N VAL A 227 -4.49 -16.54 0.25
CA VAL A 227 -4.61 -15.30 1.00
C VAL A 227 -5.47 -15.51 2.24
N ARG A 228 -5.01 -14.96 3.35
CA ARG A 228 -5.78 -14.87 4.58
C ARG A 228 -5.46 -13.55 5.26
N TRP A 229 -6.49 -12.92 5.78
CA TRP A 229 -6.40 -11.64 6.47
C TRP A 229 -6.70 -11.81 7.95
N TRP A 230 -6.01 -11.03 8.75
CA TRP A 230 -6.28 -10.87 10.17
C TRP A 230 -6.30 -9.38 10.46
N HIS A 231 -7.00 -8.97 11.51
CA HIS A 231 -6.84 -7.59 11.96
C HIS A 231 -7.06 -7.50 13.45
N GLY A 232 -6.50 -6.46 14.06
CA GLY A 232 -6.67 -6.18 15.46
C GLY A 232 -7.34 -4.84 15.61
N ILE A 233 -7.00 -4.11 16.67
CA ILE A 233 -7.64 -2.83 16.95
C ILE A 233 -7.16 -1.77 15.97
N GLN A 234 -5.88 -1.79 15.62
CA GLN A 234 -5.31 -0.76 14.77
C GLN A 234 -4.73 -1.28 13.47
N ASP A 235 -4.09 -2.43 13.47
CA ASP A 235 -3.34 -2.95 12.34
C ASP A 235 -4.09 -4.09 11.68
N ALA A 236 -3.78 -4.32 10.41
CA ALA A 236 -4.21 -5.53 9.73
C ALA A 236 -2.98 -6.30 9.26
N VAL A 237 -3.19 -7.57 9.00
CA VAL A 237 -2.12 -8.46 8.57
C VAL A 237 -2.66 -9.35 7.46
N VAL A 238 -1.93 -9.46 6.36
CA VAL A 238 -2.28 -10.37 5.30
C VAL A 238 -1.17 -11.41 5.22
N ALA A 239 -1.54 -12.68 5.16
CA ALA A 239 -0.60 -13.77 4.96
C ALA A 239 -0.91 -14.42 3.62
N ALA A 240 0.12 -14.82 2.88
CA ALA A 240 -0.11 -15.37 1.56
C ALA A 240 1.14 -16.08 1.05
N SER A 241 0.94 -16.85 -0.01
CA SER A 241 2.02 -17.38 -0.82
C SER A 241 2.07 -16.62 -2.14
N LEU A 242 3.19 -16.72 -2.83
CA LEU A 242 3.31 -16.12 -4.15
C LEU A 242 2.90 -17.13 -5.20
N GLU A 243 2.12 -16.68 -6.19
CA GLU A 243 1.67 -17.57 -7.25
C GLU A 243 2.81 -17.93 -8.19
N LEU A 244 2.67 -19.07 -8.87
CA LEU A 244 3.55 -19.47 -9.97
C LEU A 244 3.46 -18.47 -11.13
N SER B 2 -21.16 -8.54 8.38
CA SER B 2 -20.69 -8.11 7.06
C SER B 2 -20.13 -6.72 7.17
N PHE B 3 -20.04 -6.07 6.03
CA PHE B 3 -19.52 -4.72 6.04
C PHE B 3 -20.57 -3.68 6.41
N VAL B 4 -21.86 -4.04 6.46
CA VAL B 4 -22.88 -3.04 6.78
C VAL B 4 -22.72 -2.49 8.21
N PRO B 5 -22.68 -3.31 9.26
CA PRO B 5 -22.49 -2.72 10.59
C PRO B 5 -21.08 -2.15 10.78
N PHE B 6 -20.09 -2.71 10.08
CA PHE B 6 -18.75 -2.16 10.09
C PHE B 6 -18.74 -0.71 9.62
N LEU B 7 -19.49 -0.41 8.57
CA LEU B 7 -19.49 0.91 7.98
C LEU B 7 -20.47 1.88 8.63
N GLU B 8 -21.33 1.42 9.53
CA GLU B 8 -22.35 2.31 10.10
C GLU B 8 -21.80 3.63 10.65
N PRO B 9 -20.68 3.68 11.37
CA PRO B 9 -20.19 5.00 11.82
C PRO B 9 -19.63 5.88 10.70
N PHE B 10 -19.42 5.35 9.49
CA PHE B 10 -18.70 6.08 8.46
C PHE B 10 -19.56 6.55 7.31
N ILE B 11 -20.77 6.00 7.15
CA ILE B 11 -21.68 6.43 6.10
C ILE B 11 -22.13 7.85 6.41
N PRO B 12 -22.66 8.59 5.44
CA PRO B 12 -22.93 10.02 5.66
C PRO B 12 -23.80 10.26 6.88
N HIS B 13 -23.39 11.24 7.69
CA HIS B 13 -24.11 11.61 8.89
C HIS B 13 -24.00 13.11 9.08
N GLU B 14 -24.70 13.61 10.10
CA GLU B 14 -24.93 15.05 10.25
C GLU B 14 -23.84 15.74 11.05
N ASN B 15 -23.10 15.01 11.89
CA ASN B 15 -22.04 15.59 12.71
C ASN B 15 -20.86 15.96 11.83
N THR B 16 -21.02 17.07 11.10
CA THR B 16 -20.01 17.55 10.15
C THR B 16 -19.37 18.83 10.71
N LEU B 17 -18.04 18.92 10.61
CA LEU B 17 -17.31 20.10 11.06
C LEU B 17 -17.29 21.22 10.03
N LEU B 18 -17.69 20.96 8.79
CA LEU B 18 -17.73 21.96 7.73
C LEU B 18 -19.09 21.87 7.06
N PRO B 19 -20.13 22.48 7.66
CA PRO B 19 -21.50 22.29 7.15
C PRO B 19 -21.77 22.99 5.83
N GLU B 20 -20.93 23.91 5.39
CA GLU B 20 -21.08 24.46 4.05
C GLU B 20 -20.63 23.49 2.96
N LEU B 21 -20.10 22.34 3.32
CA LEU B 21 -19.68 21.33 2.37
C LEU B 21 -20.59 20.10 2.46
N PRO B 22 -20.67 19.29 1.40
CA PRO B 22 -21.27 17.95 1.55
C PRO B 22 -20.40 17.09 2.46
N PHE B 23 -21.01 16.03 2.97
CA PHE B 23 -20.24 14.94 3.57
C PHE B 23 -19.41 14.28 2.48
N VAL B 24 -18.10 14.22 2.64
CA VAL B 24 -17.21 13.69 1.60
C VAL B 24 -16.65 12.35 2.07
N THR B 25 -16.94 11.30 1.29
CA THR B 25 -16.28 10.01 1.47
C THR B 25 -15.23 9.86 0.38
N LEU B 26 -13.98 9.69 0.78
CA LEU B 26 -12.90 9.38 -0.16
C LEU B 26 -12.70 7.87 -0.09
N THR B 27 -12.84 7.18 -1.22
CA THR B 27 -12.83 5.74 -1.18
C THR B 27 -12.28 5.17 -2.49
N TYR B 28 -11.39 4.19 -2.36
CA TYR B 28 -10.77 3.56 -3.51
C TYR B 28 -10.34 2.14 -3.15
N ALA B 29 -9.96 1.38 -4.18
CA ALA B 29 -9.37 0.05 -4.03
C ALA B 29 -7.89 0.09 -4.44
N GLN B 30 -7.02 -0.41 -3.57
CA GLN B 30 -5.59 -0.38 -3.83
C GLN B 30 -5.01 -1.78 -3.77
N SER B 31 -3.94 -1.98 -4.54
CA SER B 31 -3.07 -3.12 -4.33
C SER B 31 -2.28 -2.93 -3.04
N LEU B 32 -1.53 -3.98 -2.67
CA LEU B 32 -0.65 -3.87 -1.49
C LEU B 32 0.39 -2.76 -1.68
N ASP B 33 0.91 -2.58 -2.92
CA ASP B 33 1.89 -1.52 -3.15
C ASP B 33 1.24 -0.18 -3.51
N SER B 34 0.00 0.02 -3.07
CA SER B 34 -0.69 1.30 -3.18
C SER B 34 -0.80 1.77 -4.63
N ARG B 35 -1.16 0.84 -5.52
CA ARG B 35 -1.54 1.18 -6.88
C ARG B 35 -3.05 0.97 -7.04
N ILE B 36 -3.71 1.86 -7.80
CA ILE B 36 -5.14 1.77 -8.05
C ILE B 36 -5.44 1.35 -9.48
N ALA B 37 -4.43 1.13 -10.31
CA ALA B 37 -4.62 0.61 -11.64
C ALA B 37 -3.33 -0.03 -12.12
N ALA B 38 -3.45 -1.10 -12.90
CA ALA B 38 -2.29 -1.79 -13.43
C ALA B 38 -1.51 -0.91 -14.40
N LYS B 39 -0.31 -1.34 -14.74
CA LYS B 39 0.48 -0.66 -15.77
C LYS B 39 -0.27 -0.68 -17.10
N LYS B 40 0.04 0.30 -17.96
CA LYS B 40 -0.56 0.46 -19.27
C LYS B 40 -0.67 -0.88 -20.00
N GLY B 41 -1.89 -1.21 -20.43
CA GLY B 41 -2.12 -2.39 -21.22
C GLY B 41 -2.31 -3.66 -20.43
N GLU B 42 -2.16 -3.61 -19.11
CA GLU B 42 -2.38 -4.76 -18.24
C GLU B 42 -3.73 -4.61 -17.53
N ARG B 43 -4.36 -5.75 -17.25
CA ARG B 43 -5.68 -5.75 -16.63
C ARG B 43 -5.57 -5.44 -15.14
N THR B 44 -6.54 -4.69 -14.62
CA THR B 44 -6.55 -4.23 -13.23
C THR B 44 -7.57 -5.04 -12.43
N VAL B 45 -7.07 -6.01 -11.65
CA VAL B 45 -7.94 -6.80 -10.77
C VAL B 45 -7.47 -6.58 -9.33
N ILE B 46 -8.23 -5.79 -8.58
CA ILE B 46 -7.83 -5.42 -7.23
C ILE B 46 -8.92 -5.88 -6.28
N SER B 47 -10.11 -5.35 -6.48
CA SER B 47 -11.21 -5.53 -5.56
C SER B 47 -12.00 -6.78 -5.96
N HIS B 48 -12.28 -7.63 -4.99
CA HIS B 48 -13.08 -8.81 -5.29
C HIS B 48 -14.56 -8.53 -5.01
N GLN B 49 -15.40 -9.48 -5.41
CA GLN B 49 -16.84 -9.23 -5.40
C GLN B 49 -17.33 -8.76 -4.03
N GLU B 50 -16.76 -9.27 -2.95
CA GLU B 50 -17.25 -8.91 -1.61
C GLU B 50 -17.11 -7.41 -1.36
N THR B 51 -16.01 -6.80 -1.80
CA THR B 51 -15.85 -5.36 -1.63
C THR B 51 -16.45 -4.56 -2.78
N LYS B 52 -16.58 -5.15 -3.97
CA LYS B 52 -17.38 -4.50 -4.98
C LYS B 52 -18.81 -4.30 -4.48
N ASN B 53 -19.36 -5.31 -3.79
CA ASN B 53 -20.67 -5.14 -3.15
C ASN B 53 -20.64 -4.00 -2.15
N MET B 54 -19.56 -3.92 -1.36
CA MET B 54 -19.42 -2.84 -0.39
C MET B 54 -19.44 -1.47 -1.06
N THR B 55 -18.69 -1.33 -2.15
CA THR B 55 -18.68 -0.05 -2.87
C THR B 55 -20.09 0.32 -3.35
N GLN B 56 -20.86 -0.66 -3.85
CA GLN B 56 -22.21 -0.34 -4.31
C GLN B 56 -23.11 0.04 -3.14
N TYR B 57 -22.92 -0.60 -1.98
CA TYR B 57 -23.64 -0.18 -0.79
C TYR B 57 -23.29 1.26 -0.39
N LEU B 58 -22.01 1.63 -0.48
CA LEU B 58 -21.64 3.02 -0.14
C LEU B 58 -22.25 4.02 -1.13
N ARG B 59 -22.28 3.66 -2.42
CA ARG B 59 -22.97 4.51 -3.38
C ARG B 59 -24.43 4.73 -3.00
N SER B 60 -25.08 3.72 -2.42
CA SER B 60 -26.50 3.86 -2.08
C SER B 60 -26.73 4.81 -0.92
N LYS B 61 -25.66 5.24 -0.23
CA LYS B 61 -25.75 6.22 0.86
C LYS B 61 -25.33 7.63 0.45
N HIS B 62 -24.95 7.86 -0.80
CA HIS B 62 -24.45 9.17 -1.23
C HIS B 62 -25.34 9.76 -2.33
N ASP B 63 -25.45 11.09 -2.33
CA ASP B 63 -26.20 11.78 -3.38
C ASP B 63 -25.42 11.81 -4.69
N ALA B 64 -24.10 11.78 -4.63
CA ALA B 64 -23.28 12.03 -5.79
C ALA B 64 -22.01 11.19 -5.73
N ILE B 65 -21.46 10.92 -6.91
CA ILE B 65 -20.22 10.21 -7.08
C ILE B 65 -19.33 11.07 -7.97
N LEU B 66 -18.05 11.19 -7.61
CA LEU B 66 -17.14 12.09 -8.32
C LEU B 66 -15.88 11.34 -8.74
N VAL B 67 -15.48 11.53 -10.00
CA VAL B 67 -14.19 11.06 -10.53
C VAL B 67 -13.63 12.15 -11.44
N GLY B 68 -12.35 11.97 -11.80
CA GLY B 68 -11.71 12.84 -12.78
C GLY B 68 -11.82 12.32 -14.23
N VAL B 69 -11.47 13.21 -15.18
CA VAL B 69 -11.50 12.87 -16.61
C VAL B 69 -10.72 11.60 -16.88
N LYS B 70 -9.50 11.53 -16.37
CA LYS B 70 -8.62 10.45 -16.75
C LYS B 70 -9.17 9.11 -16.28
N THR B 71 -9.89 9.09 -15.16
CA THR B 71 -10.64 7.91 -14.77
C THR B 71 -11.66 7.54 -15.84
N VAL B 72 -12.45 8.53 -16.27
CA VAL B 72 -13.48 8.27 -17.28
C VAL B 72 -12.85 7.78 -18.57
N LEU B 73 -11.79 8.46 -19.03
CA LEU B 73 -11.06 8.00 -20.21
C LEU B 73 -10.57 6.59 -20.03
N ALA B 74 -9.95 6.30 -18.87
CA ALA B 74 -9.36 4.98 -18.68
C ALA B 74 -10.41 3.88 -18.60
N ASP B 75 -11.49 4.13 -17.85
CA ASP B 75 -12.39 3.05 -17.43
C ASP B 75 -13.76 3.07 -18.10
N ASP B 76 -14.16 4.17 -18.73
CA ASP B 76 -15.51 4.36 -19.25
C ASP B 76 -16.56 3.86 -18.23
N PRO B 77 -16.54 4.42 -17.00
CA PRO B 77 -17.33 3.83 -15.92
C PRO B 77 -18.81 4.19 -16.03
N GLY B 78 -19.62 3.35 -15.38
CA GLY B 78 -21.05 3.61 -15.30
C GLY B 78 -21.38 4.75 -14.35
N LEU B 79 -20.86 4.66 -13.12
CA LEU B 79 -21.07 5.65 -12.06
C LEU B 79 -22.51 5.69 -11.57
N ASN B 80 -23.27 4.61 -11.73
CA ASN B 80 -24.57 4.50 -11.10
C ASN B 80 -24.46 3.55 -9.91
N CYS B 81 -25.59 3.20 -9.31
CA CYS B 81 -25.65 2.34 -8.14
C CYS B 81 -26.47 1.11 -8.48
N LYS B 82 -25.86 -0.07 -8.33
CA LYS B 82 -26.53 -1.30 -8.74
C LYS B 82 -27.75 -1.62 -7.88
N LEU B 83 -27.86 -1.03 -6.69
CA LEU B 83 -29.06 -1.20 -5.87
C LEU B 83 -30.26 -0.44 -6.43
N GLY B 84 -30.07 0.42 -7.44
CA GLY B 84 -31.18 1.16 -8.02
C GLY B 84 -31.44 2.52 -7.40
N THR B 85 -30.70 2.89 -6.38
CA THR B 85 -30.85 4.23 -5.81
C THR B 85 -30.17 5.26 -6.71
N PRO B 86 -30.74 6.46 -6.82
CA PRO B 86 -30.14 7.48 -7.70
C PRO B 86 -28.86 8.01 -7.11
N ILE B 87 -27.87 8.27 -7.97
CA ILE B 87 -26.64 8.92 -7.54
C ILE B 87 -26.15 9.77 -8.71
N ARG B 88 -25.77 11.01 -8.42
CA ARG B 88 -25.46 11.97 -9.46
C ARG B 88 -23.97 11.92 -9.84
N PRO B 89 -23.62 11.53 -11.07
CA PRO B 89 -22.21 11.57 -11.49
C PRO B 89 -21.67 12.99 -11.61
N ILE B 90 -20.49 13.23 -11.01
CA ILE B 90 -19.77 14.49 -11.14
C ILE B 90 -18.40 14.21 -11.71
N ILE B 91 -18.05 14.86 -12.81
CA ILE B 91 -16.80 14.62 -13.53
C ILE B 91 -15.95 15.89 -13.51
N LEU B 92 -14.77 15.80 -12.90
CA LEU B 92 -13.84 16.92 -12.87
C LEU B 92 -13.12 16.93 -14.23
N ASP B 93 -13.47 17.90 -15.09
CA ASP B 93 -12.97 17.94 -16.47
C ASP B 93 -12.70 19.38 -16.86
N PRO B 94 -11.56 19.93 -16.42
CA PRO B 94 -11.35 21.39 -16.50
C PRO B 94 -11.54 22.01 -17.89
N THR B 95 -11.01 21.38 -18.92
CA THR B 95 -11.14 21.88 -20.29
C THR B 95 -12.19 21.13 -21.09
N PHE B 96 -13.01 20.29 -20.44
CA PHE B 96 -14.02 19.47 -21.10
C PHE B 96 -13.40 18.67 -22.25
N GLN B 97 -12.35 17.91 -21.94
CA GLN B 97 -11.78 16.96 -22.90
C GLN B 97 -12.79 15.94 -23.36
N LEU B 98 -13.76 15.59 -22.51
CA LEU B 98 -14.73 14.57 -22.85
C LEU B 98 -15.78 15.03 -23.85
N LEU B 99 -15.75 16.30 -24.26
CA LEU B 99 -16.72 16.80 -25.23
C LEU B 99 -16.82 15.88 -26.44
N SER B 100 -15.68 15.54 -27.03
CA SER B 100 -15.64 14.71 -28.23
C SER B 100 -16.15 13.29 -28.01
N LYS B 101 -16.16 12.80 -26.77
CA LYS B 101 -16.56 11.42 -26.51
C LYS B 101 -17.98 11.31 -25.96
N ILE B 102 -18.68 12.45 -25.78
CA ILE B 102 -19.92 12.48 -25.01
C ILE B 102 -20.89 11.38 -25.42
N ALA B 103 -21.12 11.26 -26.73
CA ALA B 103 -22.12 10.31 -27.22
C ALA B 103 -21.72 8.86 -26.95
N SER B 104 -20.44 8.58 -26.71
CA SER B 104 -19.95 7.22 -26.53
C SER B 104 -19.90 6.78 -25.07
N LEU B 105 -19.77 7.71 -24.13
CA LEU B 105 -19.51 7.38 -22.73
C LEU B 105 -20.63 6.53 -22.14
N LYS B 106 -20.25 5.48 -21.42
CA LYS B 106 -21.24 4.69 -20.70
C LYS B 106 -22.09 5.56 -19.79
N LEU B 107 -21.46 6.53 -19.10
CA LEU B 107 -22.20 7.31 -18.12
C LEU B 107 -23.25 8.20 -18.77
N ILE B 108 -22.98 8.69 -19.99
CA ILE B 108 -24.00 9.43 -20.72
C ILE B 108 -25.13 8.51 -21.13
N LYS B 109 -24.80 7.31 -21.63
CA LYS B 109 -25.84 6.39 -22.06
C LYS B 109 -26.75 6.04 -20.90
N LEU B 110 -26.18 5.79 -19.73
CA LEU B 110 -27.01 5.46 -18.59
C LEU B 110 -27.90 6.63 -18.20
N GLY B 111 -27.39 7.86 -18.33
CA GLY B 111 -28.23 9.02 -18.05
C GLY B 111 -29.42 9.08 -18.99
N LEU B 112 -29.19 8.77 -20.27
CA LEU B 112 -30.25 8.77 -21.27
C LEU B 112 -31.19 7.59 -21.14
N SER B 113 -30.69 6.42 -20.72
CA SER B 113 -31.55 5.25 -20.55
C SER B 113 -32.36 5.30 -19.26
N GLY B 114 -32.04 6.21 -18.34
CA GLY B 114 -32.68 6.23 -17.05
C GLY B 114 -32.13 5.24 -16.04
N GLU B 115 -31.11 4.45 -16.39
CA GLU B 115 -30.44 3.63 -15.39
C GLU B 115 -29.53 4.42 -14.48
N GLY B 116 -29.04 5.58 -14.93
CA GLY B 116 -28.28 6.49 -14.09
C GLY B 116 -28.86 7.89 -14.21
N GLU B 117 -28.24 8.78 -13.54
CA GLU B 117 -28.59 10.20 -13.57
C GLU B 117 -27.70 10.93 -14.57
N PRO B 118 -28.21 11.96 -15.23
CA PRO B 118 -27.37 12.74 -16.16
C PRO B 118 -26.24 13.43 -15.42
N PRO B 119 -25.04 13.44 -15.98
CA PRO B 119 -23.86 13.88 -15.22
C PRO B 119 -23.72 15.40 -15.17
N VAL B 120 -22.91 15.81 -14.20
CA VAL B 120 -22.44 17.19 -14.07
C VAL B 120 -20.95 17.20 -14.38
N PHE B 121 -20.52 18.09 -15.26
CA PHE B 121 -19.10 18.27 -15.58
C PHE B 121 -18.61 19.57 -14.96
N ILE B 122 -17.44 19.51 -14.31
CA ILE B 122 -16.85 20.68 -13.67
C ILE B 122 -15.72 21.16 -14.55
N THR B 123 -15.88 22.36 -15.12
CA THR B 123 -14.91 22.94 -16.03
C THR B 123 -14.47 24.30 -15.53
N ARG B 124 -13.41 24.82 -16.14
CA ARG B 124 -12.99 26.19 -15.94
C ARG B 124 -14.04 27.16 -16.48
N LYS B 125 -13.87 28.43 -16.14
CA LYS B 125 -14.80 29.46 -16.59
C LYS B 125 -14.74 29.58 -18.11
N GLY B 126 -15.91 29.60 -18.74
CA GLY B 126 -16.00 29.87 -20.16
C GLY B 126 -15.50 28.78 -21.08
N VAL B 127 -15.37 27.54 -20.58
CA VAL B 127 -14.92 26.47 -21.45
C VAL B 127 -16.04 26.02 -22.38
N VAL B 128 -17.28 26.03 -21.91
CA VAL B 128 -18.43 25.58 -22.69
C VAL B 128 -19.34 26.78 -22.87
N SER B 129 -19.48 27.26 -24.10
CA SER B 129 -20.25 28.47 -24.37
C SER B 129 -21.69 28.28 -23.92
N PRO B 130 -22.40 29.37 -23.59
CA PRO B 130 -23.75 29.20 -23.02
C PRO B 130 -24.72 28.45 -23.92
N ASP B 131 -24.60 28.59 -25.24
CA ASP B 131 -25.51 27.86 -26.11
C ASP B 131 -25.04 26.44 -26.40
N LEU B 132 -23.75 26.14 -26.23
CA LEU B 132 -23.36 24.73 -26.21
C LEU B 132 -23.91 24.04 -24.98
N GLN B 133 -23.95 24.73 -23.84
CA GLN B 133 -24.53 24.16 -22.62
C GLN B 133 -26.01 23.88 -22.80
N ALA B 134 -26.75 24.82 -23.42
CA ALA B 134 -28.16 24.58 -23.71
C ALA B 134 -28.35 23.36 -24.59
N ASN B 135 -27.52 23.21 -25.62
CA ASN B 135 -27.64 22.05 -26.50
C ASN B 135 -27.30 20.76 -25.75
N LEU B 136 -26.16 20.75 -25.05
CA LEU B 136 -25.77 19.56 -24.31
C LEU B 136 -26.78 19.21 -23.23
N ARG B 137 -27.38 20.22 -22.61
CA ARG B 137 -28.43 19.96 -21.63
C ARG B 137 -29.67 19.37 -22.29
N SER B 138 -30.01 19.83 -23.50
CA SER B 138 -31.18 19.30 -24.20
C SER B 138 -30.90 17.91 -24.78
N ASP B 139 -29.70 17.72 -25.31
CA ASP B 139 -29.39 16.51 -26.05
C ASP B 139 -28.97 15.36 -25.15
N TYR B 140 -28.40 15.66 -23.98
CA TYR B 140 -27.87 14.61 -23.10
C TYR B 140 -28.24 14.76 -21.63
N GLY B 141 -28.89 15.84 -21.24
CA GLY B 141 -29.14 16.04 -19.82
C GLY B 141 -27.96 16.55 -19.02
N ILE B 142 -26.85 16.85 -19.70
CA ILE B 142 -25.63 17.32 -19.07
C ILE B 142 -25.84 18.66 -18.37
N SER B 143 -25.19 18.84 -17.21
CA SER B 143 -25.01 20.12 -16.54
C SER B 143 -23.53 20.46 -16.48
N ILE B 144 -23.20 21.72 -16.77
CA ILE B 144 -21.83 22.23 -16.65
C ILE B 144 -21.76 23.12 -15.42
N VAL B 145 -20.79 22.86 -14.56
CA VAL B 145 -20.46 23.74 -13.44
C VAL B 145 -19.09 24.33 -13.72
N GLU B 146 -18.98 25.65 -13.63
CA GLU B 146 -17.73 26.35 -13.87
C GLU B 146 -17.12 26.77 -12.54
N ILE B 147 -15.80 26.73 -12.46
CA ILE B 147 -15.07 27.21 -11.30
C ILE B 147 -14.41 28.54 -11.67
N ALA B 148 -14.68 29.57 -10.86
CA ALA B 148 -14.16 30.90 -11.16
C ALA B 148 -12.64 30.89 -11.17
N ASP B 149 -12.06 31.78 -11.99
CA ASP B 149 -10.59 31.84 -12.08
C ASP B 149 -9.95 32.12 -10.72
N ARG B 150 -10.65 32.84 -9.83
CA ARG B 150 -10.09 33.12 -8.50
C ARG B 150 -9.81 31.83 -7.73
N ASP B 151 -10.62 30.80 -7.96
CA ASP B 151 -10.52 29.53 -7.25
C ASP B 151 -9.67 28.49 -7.97
N VAL B 152 -8.81 28.93 -8.89
CA VAL B 152 -7.93 28.03 -9.64
C VAL B 152 -6.51 28.53 -9.46
N HIS B 153 -5.64 27.67 -8.95
CA HIS B 153 -4.26 28.04 -8.64
C HIS B 153 -3.32 27.03 -9.28
N ARG B 154 -2.45 27.51 -10.16
CA ARG B 154 -1.47 26.66 -10.85
C ARG B 154 -2.16 25.58 -11.67
N GLY B 155 -3.34 25.89 -12.21
CA GLY B 155 -4.12 24.92 -12.96
C GLY B 155 -5.06 24.05 -12.14
N LYS B 156 -4.92 24.02 -10.83
CA LYS B 156 -5.74 23.16 -9.98
C LYS B 156 -6.89 23.96 -9.37
N MET B 157 -8.12 23.52 -9.63
CA MET B 157 -9.29 24.07 -8.99
C MET B 157 -9.28 23.78 -7.50
N SER B 158 -9.83 24.71 -6.72
CA SER B 158 -9.91 24.55 -5.28
C SER B 158 -11.00 23.54 -4.91
N TRP B 159 -10.62 22.54 -4.11
CA TRP B 159 -11.60 21.57 -3.63
C TRP B 159 -12.64 22.23 -2.75
N PHE B 160 -12.24 23.22 -1.96
CA PHE B 160 -13.21 23.92 -1.14
C PHE B 160 -14.26 24.61 -1.98
N ALA B 161 -13.85 25.23 -3.09
CA ALA B 161 -14.82 25.87 -3.98
C ALA B 161 -15.76 24.83 -4.60
N ILE B 162 -15.18 23.73 -5.12
CA ILE B 162 -15.98 22.68 -5.75
C ILE B 162 -17.07 22.19 -4.82
N LEU B 163 -16.68 21.79 -3.61
CA LEU B 163 -17.63 21.19 -2.68
C LEU B 163 -18.68 22.19 -2.23
N LYS B 164 -18.31 23.47 -2.12
CA LYS B 164 -19.29 24.51 -1.82
C LYS B 164 -20.36 24.58 -2.90
N ILE B 165 -19.94 24.59 -4.16
CA ILE B 165 -20.89 24.63 -5.25
C ILE B 165 -21.79 23.40 -5.23
N LEU B 166 -21.19 22.22 -5.04
CA LEU B 166 -21.99 20.99 -4.99
C LEU B 166 -22.98 21.05 -3.84
N LYS B 167 -22.52 21.51 -2.68
CA LYS B 167 -23.42 21.59 -1.54
C LYS B 167 -24.53 22.59 -1.80
N ASP B 168 -24.19 23.72 -2.41
CA ASP B 168 -25.20 24.74 -2.71
C ASP B 168 -26.21 24.25 -3.73
N ALA B 169 -25.83 23.29 -4.58
CA ALA B 169 -26.73 22.60 -5.50
C ALA B 169 -27.48 21.45 -4.84
N GLU B 170 -27.42 21.35 -3.50
CA GLU B 170 -28.14 20.36 -2.69
C GLU B 170 -27.61 18.93 -2.87
N ILE B 171 -26.34 18.79 -3.24
CA ILE B 171 -25.60 17.54 -3.06
C ILE B 171 -25.10 17.52 -1.62
N HIS B 172 -25.69 16.69 -0.78
CA HIS B 172 -25.32 16.68 0.62
C HIS B 172 -24.25 15.65 0.96
N SER B 173 -23.92 14.77 0.03
CA SER B 173 -22.87 13.79 0.27
C SER B 173 -22.33 13.37 -1.08
N VAL B 174 -21.02 13.26 -1.18
CA VAL B 174 -20.36 12.93 -2.42
C VAL B 174 -19.34 11.86 -2.15
N MET B 175 -19.37 10.82 -2.97
CA MET B 175 -18.43 9.71 -2.89
C MET B 175 -17.35 9.97 -3.94
N VAL B 176 -16.16 10.36 -3.50
CA VAL B 176 -15.05 10.64 -4.42
C VAL B 176 -14.29 9.33 -4.61
N GLU B 177 -14.27 8.79 -5.83
CA GLU B 177 -13.70 7.46 -6.02
C GLU B 177 -12.31 7.43 -6.68
N GLY B 178 -11.82 8.54 -7.20
CA GLY B 178 -10.52 8.55 -7.86
C GLY B 178 -10.50 9.60 -8.95
N GLY B 179 -9.40 9.63 -9.71
CA GLY B 179 -8.27 8.73 -9.53
C GLY B 179 -7.15 9.22 -8.61
N ALA B 180 -5.91 8.83 -8.93
CA ALA B 180 -4.80 9.07 -8.00
C ALA B 180 -4.58 10.55 -7.74
N THR B 181 -4.65 11.37 -8.79
CA THR B 181 -4.51 12.81 -8.64
C THR B 181 -5.48 13.34 -7.59
N ILE B 182 -6.75 12.95 -7.73
CA ILE B 182 -7.77 13.48 -6.83
C ILE B 182 -7.60 12.92 -5.42
N ILE B 183 -7.25 11.63 -5.31
CA ILE B 183 -7.04 11.04 -4.00
C ILE B 183 -5.87 11.73 -3.28
N ASN B 184 -4.72 11.84 -3.96
CA ASN B 184 -3.54 12.48 -3.36
C ASN B 184 -3.84 13.89 -2.87
N ASP B 185 -4.62 14.66 -3.66
CA ASP B 185 -4.93 16.03 -3.27
C ASP B 185 -5.89 16.08 -2.09
N LEU B 186 -6.95 15.27 -2.13
CA LEU B 186 -7.91 15.31 -1.04
C LEU B 186 -7.33 14.78 0.26
N LEU B 187 -6.33 13.91 0.20
CA LEU B 187 -5.77 13.39 1.45
C LEU B 187 -5.06 14.48 2.26
N ILE B 188 -4.53 15.51 1.62
CA ILE B 188 -3.84 16.57 2.36
C ILE B 188 -4.64 17.86 2.42
N CYS B 189 -5.80 17.92 1.76
CA CYS B 189 -6.54 19.17 1.66
C CYS B 189 -7.23 19.50 2.99
N ARG B 190 -6.89 20.65 3.55
CA ARG B 190 -7.46 21.08 4.82
C ARG B 190 -8.08 22.46 4.67
N GLN B 191 -9.08 22.72 5.50
CA GLN B 191 -9.63 24.07 5.64
C GLN B 191 -9.50 24.45 7.10
N ASN B 192 -8.58 25.38 7.40
CA ASN B 192 -8.31 25.81 8.76
C ASN B 192 -8.04 24.61 9.66
N SER B 193 -7.16 23.74 9.17
CA SER B 193 -6.74 22.49 9.81
C SER B 193 -7.78 21.38 9.76
N VAL B 194 -8.96 21.64 9.20
CA VAL B 194 -10.05 20.66 9.18
C VAL B 194 -10.02 19.95 7.83
N PRO B 195 -9.89 18.63 7.79
CA PRO B 195 -9.88 17.94 6.49
C PRO B 195 -11.24 18.04 5.83
N LEU B 196 -11.23 18.21 4.51
CA LEU B 196 -12.46 18.24 3.75
C LEU B 196 -13.10 16.86 3.69
N VAL B 197 -12.29 15.81 3.70
CA VAL B 197 -12.76 14.42 3.69
C VAL B 197 -13.32 14.06 5.06
N ALA B 198 -14.59 13.64 5.11
CA ALA B 198 -15.15 13.17 6.37
C ALA B 198 -14.85 11.69 6.63
N SER B 199 -14.96 10.84 5.60
CA SER B 199 -14.69 9.42 5.77
C SER B 199 -13.76 8.92 4.67
N LEU B 200 -12.80 8.11 5.08
CA LEU B 200 -11.83 7.47 4.21
C LEU B 200 -12.05 5.97 4.32
N ILE B 201 -12.34 5.31 3.19
CA ILE B 201 -12.67 3.90 3.19
C ILE B 201 -11.89 3.22 2.07
N ILE B 202 -10.95 2.35 2.41
CA ILE B 202 -10.01 1.81 1.44
C ILE B 202 -10.11 0.28 1.41
N THR B 203 -10.31 -0.26 0.21
CA THR B 203 -10.20 -1.69 -0.01
C THR B 203 -8.74 -2.00 -0.32
N VAL B 204 -8.15 -2.93 0.41
CA VAL B 204 -6.82 -3.43 0.06
C VAL B 204 -6.97 -4.80 -0.57
N GLY B 205 -6.56 -4.90 -1.83
CA GLY B 205 -6.55 -6.15 -2.54
C GLY B 205 -5.20 -6.82 -2.44
N PRO B 206 -5.22 -8.16 -2.28
CA PRO B 206 -3.99 -8.96 -2.09
C PRO B 206 -3.23 -9.22 -3.40
N VAL B 207 -2.54 -8.18 -3.85
CA VAL B 207 -1.86 -8.23 -5.14
C VAL B 207 -0.91 -7.04 -5.17
N TYR B 208 0.18 -7.18 -5.92
CA TYR B 208 1.06 -6.06 -6.25
C TYR B 208 0.84 -5.71 -7.71
N LEU B 209 0.74 -4.43 -8.03
CA LEU B 209 0.68 -4.04 -9.44
C LEU B 209 2.02 -3.55 -9.95
N GLY B 210 2.96 -3.20 -9.08
CA GLY B 210 4.31 -2.89 -9.49
C GLY B 210 4.53 -1.43 -9.81
N LYS B 211 5.80 -1.11 -10.08
CA LYS B 211 6.23 0.29 -10.13
C LYS B 211 5.55 1.07 -11.25
N ASP B 212 5.08 0.43 -12.30
CA ASP B 212 4.44 1.13 -13.42
C ASP B 212 2.94 1.28 -13.27
N GLY B 213 2.33 0.87 -12.13
CA GLY B 213 0.91 1.08 -11.93
C GLY B 213 0.63 2.51 -11.49
N VAL B 214 -0.64 2.84 -11.37
CA VAL B 214 -1.04 4.19 -10.96
C VAL B 214 -0.96 4.28 -9.44
N GLU B 215 -0.03 5.09 -8.93
CA GLU B 215 0.29 5.11 -7.50
C GLU B 215 -0.53 6.15 -6.76
N VAL B 216 -1.00 5.77 -5.56
CA VAL B 216 -1.52 6.73 -4.58
C VAL B 216 -0.48 6.88 -3.48
N THR B 217 -0.10 8.13 -3.20
CA THR B 217 0.71 8.48 -2.04
C THR B 217 0.67 10.00 -1.90
N PRO B 218 0.26 10.51 -0.75
CA PRO B 218 0.14 11.97 -0.59
C PRO B 218 1.52 12.62 -0.51
N ALA B 219 1.52 13.95 -0.64
CA ALA B 219 2.79 14.67 -0.70
C ALA B 219 3.47 14.77 0.66
N ARG B 220 2.75 14.53 1.75
CA ARG B 220 3.32 14.47 3.09
C ARG B 220 2.65 13.32 3.83
N SER B 221 3.18 12.99 5.01
CA SER B 221 2.52 11.95 5.81
C SER B 221 1.18 12.45 6.31
N VAL B 222 0.23 11.53 6.48
CA VAL B 222 -1.14 11.87 6.88
C VAL B 222 -1.57 10.87 7.94
N LYS B 223 -2.01 11.38 9.08
CA LYS B 223 -2.47 10.54 10.19
C LYS B 223 -3.97 10.32 10.12
N LEU B 224 -4.41 9.15 10.59
CA LEU B 224 -5.81 8.77 10.58
C LEU B 224 -6.32 8.64 12.01
N GLY B 225 -7.63 8.84 12.18
CA GLY B 225 -8.28 8.60 13.45
C GLY B 225 -9.43 7.61 13.28
N ASN B 226 -9.97 7.16 14.41
CA ASN B 226 -11.20 6.34 14.42
C ASN B 226 -11.06 5.12 13.53
N VAL B 227 -9.86 4.53 13.52
CA VAL B 227 -9.55 3.45 12.58
C VAL B 227 -10.37 2.22 12.92
N ARG B 228 -10.94 1.60 11.90
CA ARG B 228 -11.60 0.31 12.03
C ARG B 228 -11.26 -0.53 10.82
N TRP B 229 -11.05 -1.82 11.05
CA TRP B 229 -10.67 -2.74 10.00
C TRP B 229 -11.76 -3.80 9.83
N TRP B 230 -11.89 -4.26 8.59
CA TRP B 230 -12.75 -5.37 8.26
C TRP B 230 -12.00 -6.22 7.25
N HIS B 231 -12.33 -7.50 7.18
CA HIS B 231 -11.81 -8.31 6.10
C HIS B 231 -12.80 -9.40 5.75
N GLY B 232 -12.78 -9.80 4.47
CA GLY B 232 -13.51 -10.96 4.00
C GLY B 232 -12.60 -12.12 3.64
N ILE B 233 -12.93 -12.82 2.55
CA ILE B 233 -12.19 -14.01 2.16
C ILE B 233 -10.92 -13.63 1.43
N GLN B 234 -10.93 -12.48 0.75
CA GLN B 234 -9.80 -12.08 -0.08
C GLN B 234 -9.28 -10.68 0.24
N ASP B 235 -10.19 -9.76 0.55
CA ASP B 235 -9.85 -8.34 0.68
C ASP B 235 -9.98 -7.89 2.12
N ALA B 236 -9.23 -6.84 2.45
CA ALA B 236 -9.39 -6.12 3.70
C ALA B 236 -9.98 -4.75 3.39
N VAL B 237 -10.59 -4.12 4.39
CA VAL B 237 -11.12 -2.77 4.26
C VAL B 237 -10.80 -2.00 5.54
N VAL B 238 -10.27 -0.78 5.39
CA VAL B 238 -10.01 0.12 6.51
C VAL B 238 -10.91 1.34 6.35
N ALA B 239 -11.57 1.72 7.44
CA ALA B 239 -12.37 2.92 7.50
C ALA B 239 -11.78 3.82 8.58
N ALA B 240 -11.74 5.13 8.32
CA ALA B 240 -11.08 6.04 9.23
C ALA B 240 -11.56 7.46 8.99
N SER B 241 -11.21 8.35 9.90
CA SER B 241 -11.24 9.79 9.63
C SER B 241 -9.82 10.31 9.49
N LEU B 242 -9.67 11.50 8.92
CA LEU B 242 -8.36 12.15 8.84
C LEU B 242 -8.16 12.97 10.11
N GLU B 243 -6.97 12.86 10.70
CA GLU B 243 -6.73 13.61 11.94
C GLU B 243 -6.60 15.09 11.65
N LEU B 244 -7.03 15.90 12.62
CA LEU B 244 -6.81 17.35 12.58
C LEU B 244 -5.32 17.69 12.57
PA NAP C . 18.06 -2.61 2.65
O1A NAP C . 18.09 -3.02 4.10
O2A NAP C . 17.20 -3.25 1.61
O5B NAP C . 19.62 -2.80 2.22
C5B NAP C . 19.90 -2.62 0.85
C4B NAP C . 21.39 -2.82 0.64
O4B NAP C . 21.73 -4.18 0.93
C3B NAP C . 21.78 -2.59 -0.82
O3B NAP C . 22.06 -1.25 -1.11
C2B NAP C . 23.01 -3.51 -0.93
O2B NAP C . 24.06 -2.98 -0.19
C1B NAP C . 22.54 -4.70 -0.11
N9A NAP C . 21.83 -5.71 -0.88
C8A NAP C . 20.50 -6.05 -0.83
N7A NAP C . 20.19 -7.01 -1.65
C5A NAP C . 21.36 -7.30 -2.30
C6A NAP C . 21.67 -8.23 -3.30
N6A NAP C . 20.76 -9.07 -3.82
N1A NAP C . 22.94 -8.28 -3.73
C2A NAP C . 23.85 -7.45 -3.20
N3A NAP C . 23.65 -6.54 -2.26
C4A NAP C . 22.39 -6.50 -1.84
O3 NAP C . 17.90 -0.98 2.42
PN NAP C . 16.71 -0.07 1.75
O1N NAP C . 16.12 -0.74 0.57
O2N NAP C . 17.25 1.34 1.74
O5D NAP C . 15.60 -0.10 2.94
C5D NAP C . 16.00 0.53 4.14
C4D NAP C . 14.85 1.02 5.01
O4D NAP C . 14.03 -0.14 5.31
C3D NAP C . 15.22 1.59 6.37
O3D NAP C . 14.67 2.88 6.41
C2D NAP C . 14.57 0.64 7.40
O2D NAP C . 14.02 1.23 8.53
C1D NAP C . 13.45 0.05 6.53
N1N NAP C . 12.82 -1.22 7.01
C2N NAP C . 11.52 -1.22 7.34
C3N NAP C . 10.88 -2.36 7.78
C7N NAP C . 9.42 -2.38 8.15
O7N NAP C . 8.91 -3.51 8.20
N7N NAP C . 8.76 -1.18 8.32
C4N NAP C . 11.61 -3.54 7.84
C5N NAP C . 12.96 -3.52 7.48
C6N NAP C . 13.56 -2.35 7.05
P2B NAP C . 25.19 -1.89 -0.92
O1X NAP C . 26.38 -2.05 0.01
O2X NAP C . 25.31 -2.54 -2.29
O3X NAP C . 24.52 -0.53 -0.86
PA NAP D . -7.95 11.36 -12.12
O1A NAP D . -9.28 10.69 -12.38
O2A NAP D . -7.49 11.77 -10.74
O5B NAP D . -7.99 12.71 -13.04
C5B NAP D . -6.84 13.54 -13.08
C4B NAP D . -7.17 14.74 -13.96
O4B NAP D . -8.39 15.31 -13.48
C3B NAP D . -6.13 15.88 -13.91
O3B NAP D . -5.01 15.74 -14.74
C2B NAP D . -7.06 17.08 -14.24
O2B NAP D . -7.54 16.96 -15.55
C1B NAP D . -8.27 16.71 -13.40
N9A NAP D . -8.23 17.20 -12.03
C8A NAP D . -8.17 16.51 -10.84
N7A NAP D . -8.16 17.26 -9.78
C5A NAP D . -8.23 18.53 -10.28
C6A NAP D . -8.27 19.77 -9.63
N6A NAP D . -8.24 19.89 -8.31
N1A NAP D . -8.34 20.86 -10.42
C2A NAP D . -8.37 20.72 -11.75
N3A NAP D . -8.34 19.60 -12.45
C4A NAP D . -8.27 18.53 -11.66
O3 NAP D . -6.74 10.59 -12.93
PN NAP D . -5.30 9.87 -12.55
O1N NAP D . -4.64 10.56 -11.42
O2N NAP D . -4.67 9.74 -13.93
O5D NAP D . -5.90 8.42 -12.06
C5D NAP D . -6.75 7.73 -12.97
C4D NAP D . -6.55 6.23 -12.93
O4D NAP D . -7.08 5.84 -11.65
C3D NAP D . -7.28 5.36 -13.95
O3D NAP D . -6.35 4.44 -14.43
C2D NAP D . -8.32 4.56 -13.15
O2D NAP D . -8.42 3.21 -13.53
C1D NAP D . -7.72 4.63 -11.75
N1N NAP D . -8.74 4.51 -10.65
C2N NAP D . -8.68 3.48 -9.77
C3N NAP D . -9.59 3.36 -8.74
C7N NAP D . -9.58 2.24 -7.72
O7N NAP D . -10.25 2.45 -6.72
N7N NAP D . -8.82 1.12 -7.93
C4N NAP D . -10.57 4.37 -8.64
C5N NAP D . -10.61 5.43 -9.55
C6N NAP D . -9.66 5.50 -10.55
P2B NAP D . -6.65 17.73 -16.82
O1X NAP D . -7.71 17.89 -17.91
O2X NAP D . -6.23 18.97 -16.05
O3X NAP D . -5.53 16.75 -17.18
#